data_6AAP
#
_entry.id   6AAP
#
_cell.length_a   100.797
_cell.length_b   43.609
_cell.length_c   72.478
_cell.angle_alpha   90.00
_cell.angle_beta   119.67
_cell.angle_gamma   90.00
#
_symmetry.space_group_name_H-M   'C 1 2 1'
#
loop_
_entity.id
_entity.type
_entity.pdbx_description
1 polymer 'Pyrrolysine--tRNA ligase'
2 non-polymer 'MAGNESIUM ION'
3 non-polymer "ADENOSINE-5'-TRIPHOSPHATE"
4 non-polymer 3-[(2-{[(benzyloxy)carbonyl]amino}ethyl)selanyl]-L-alanine
5 water water
#
_entity_poly.entity_id   1
_entity_poly.type   'polypeptide(L)'
_entity_poly.pdbx_seq_one_letter_code
;GSHMASAPALTKSQTDRLEVLLNPKDEISLNSGKPFRELESELLSRRKKDLQQIYAEERENYLGKLEREITRFFVDRGFL
EIKSPILIPLEYIERMGIDNDTELSKQIFRVDKNFCLRPMLAPNLANYLRKLDRALPDPIKIFEIGPCYRKESDGKEHLE
EFTMLNFCQMGSGCTRENLESIITDFLNHLGIDFKIVGDSCMVFGDTLDVMHGDLELSSAVVGPIPLDREWGIDKPWIGA
GFGLERLLKVKHDFKNIKRAARSGSYYNGISTNL
;
_entity_poly.pdbx_strand_id   A
#
loop_
_chem_comp.id
_chem_comp.type
_chem_comp.name
_chem_comp.formula
ATP non-polymer ADENOSINE-5'-TRIPHOSPHATE 'C10 H16 N5 O13 P3'
MG non-polymer 'MAGNESIUM ION' 'Mg 2'
#
# COMPACT_ATOMS: atom_id res chain seq x y z
N PRO A 8 37.35 -3.75 16.08
CA PRO A 8 36.19 -4.46 15.54
C PRO A 8 35.55 -3.77 14.35
N ALA A 9 36.02 -4.13 13.15
CA ALA A 9 35.39 -3.71 11.90
C ALA A 9 34.51 -4.85 11.40
N LEU A 10 33.26 -4.52 11.06
CA LEU A 10 32.32 -5.52 10.60
C LEU A 10 32.34 -5.60 9.08
N THR A 11 32.21 -6.81 8.57
CA THR A 11 32.07 -7.01 7.14
C THR A 11 30.69 -6.56 6.69
N LYS A 12 30.54 -6.43 5.37
CA LYS A 12 29.23 -6.14 4.80
C LYS A 12 28.21 -7.22 5.17
N SER A 13 28.62 -8.50 5.12
CA SER A 13 27.71 -9.57 5.49
CA SER A 13 27.69 -9.56 5.48
C SER A 13 27.26 -9.46 6.94
N GLN A 14 28.19 -9.10 7.83
CA GLN A 14 27.86 -8.95 9.24
C GLN A 14 26.92 -7.77 9.46
N THR A 15 27.21 -6.63 8.83
CA THR A 15 26.32 -5.47 8.96
CA THR A 15 26.31 -5.50 9.00
C THR A 15 24.94 -5.78 8.41
N ASP A 16 24.88 -6.47 7.27
CA ASP A 16 23.56 -6.83 6.73
C ASP A 16 22.78 -7.68 7.72
N ARG A 17 23.46 -8.63 8.37
CA ARG A 17 22.78 -9.49 9.34
C ARG A 17 22.26 -8.69 10.52
N LEU A 18 23.07 -7.75 11.01
CA LEU A 18 22.62 -6.90 12.12
C LEU A 18 21.48 -5.97 11.69
N GLU A 19 21.54 -5.42 10.47
CA GLU A 19 20.46 -4.57 9.99
C GLU A 19 19.15 -5.33 9.90
N VAL A 20 19.20 -6.59 9.49
CA VAL A 20 17.99 -7.42 9.43
C VAL A 20 17.36 -7.55 10.82
N LEU A 21 18.20 -7.69 11.86
CA LEU A 21 17.75 -7.89 13.24
C LEU A 21 17.44 -6.59 13.97
N LEU A 22 17.83 -5.45 13.42
CA LEU A 22 17.62 -4.17 14.08
C LEU A 22 16.21 -3.68 13.82
N ASN A 23 15.60 -3.10 14.83
CA ASN A 23 14.27 -2.51 14.66
C ASN A 23 14.32 -1.02 14.98
N PRO A 24 13.39 -0.23 14.43
CA PRO A 24 13.48 1.24 14.58
C PRO A 24 13.55 1.70 16.03
N LYS A 25 12.91 1.00 16.96
CA LYS A 25 12.89 1.46 18.33
C LYS A 25 14.18 1.16 19.08
N ASP A 26 15.04 0.31 18.55
CA ASP A 26 16.30 0.03 19.22
C ASP A 26 17.16 1.29 19.19
N GLU A 27 17.81 1.56 20.30
CA GLU A 27 18.86 2.58 20.35
C GLU A 27 20.22 1.89 20.41
N ILE A 28 20.48 1.14 19.36
CA ILE A 28 21.69 0.34 19.19
C ILE A 28 22.36 0.76 17.89
N SER A 29 23.63 1.12 17.99
CA SER A 29 24.43 1.47 16.82
C SER A 29 25.33 0.31 16.45
N LEU A 30 25.29 -0.09 15.18
CA LEU A 30 26.14 -1.17 14.70
C LEU A 30 27.61 -0.79 14.65
N ASN A 31 27.93 0.51 14.74
CA ASN A 31 29.31 0.98 14.71
C ASN A 31 29.80 1.42 16.09
N SER A 32 29.12 1.01 17.15
CA SER A 32 29.47 1.42 18.51
C SER A 32 30.78 0.80 19.01
N GLY A 33 31.43 -0.05 18.21
CA GLY A 33 32.67 -0.67 18.61
C GLY A 33 32.53 -2.04 19.23
N LYS A 34 31.32 -2.41 19.68
CA LYS A 34 31.10 -3.75 20.19
C LYS A 34 31.23 -4.76 19.04
N PRO A 35 31.69 -5.97 19.34
CA PRO A 35 31.91 -6.96 18.27
C PRO A 35 30.60 -7.51 17.76
N PHE A 36 30.68 -8.05 16.55
CA PHE A 36 29.50 -8.63 15.91
C PHE A 36 28.80 -9.63 16.82
N ARG A 37 29.56 -10.51 17.49
CA ARG A 37 28.93 -11.58 18.28
C ARG A 37 28.04 -11.02 19.36
N GLU A 38 28.42 -9.89 19.96
CA GLU A 38 27.62 -9.32 21.04
C GLU A 38 26.41 -8.55 20.51
N LEU A 39 26.61 -7.79 19.44
CA LEU A 39 25.49 -7.12 18.79
C LEU A 39 24.47 -8.13 18.27
N GLU A 40 24.93 -9.21 17.64
CA GLU A 40 23.99 -10.22 17.13
C GLU A 40 23.25 -10.90 18.26
N SER A 41 23.95 -11.26 19.34
CA SER A 41 23.29 -11.94 20.45
CA SER A 41 23.29 -11.95 20.45
C SER A 41 22.24 -11.05 21.10
N GLU A 42 22.58 -9.78 21.30
CA GLU A 42 21.62 -8.84 21.88
C GLU A 42 20.40 -8.69 21.00
N LEU A 43 20.61 -8.49 19.70
CA LEU A 43 19.46 -8.28 18.82
C LEU A 43 18.62 -9.55 18.67
N LEU A 44 19.26 -10.71 18.58
CA LEU A 44 18.49 -11.96 18.54
C LEU A 44 17.61 -12.10 19.76
N SER A 45 18.16 -11.78 20.94
CA SER A 45 17.37 -11.90 22.16
CA SER A 45 17.37 -11.90 22.16
CA SER A 45 17.37 -11.90 22.16
C SER A 45 16.19 -10.94 22.15
N ARG A 46 16.41 -9.70 21.68
CA ARG A 46 15.32 -8.73 21.64
C ARG A 46 14.25 -9.18 20.67
N ARG A 47 14.65 -9.68 19.50
CA ARG A 47 13.65 -10.03 18.50
C ARG A 47 12.87 -11.28 18.89
N LYS A 48 13.52 -12.26 19.53
CA LYS A 48 12.78 -13.41 20.04
C LYS A 48 11.77 -12.98 21.08
N LYS A 49 12.17 -12.10 22.00
N LYS A 49 12.16 -12.07 21.98
CA LYS A 49 11.23 -11.54 22.97
CA LYS A 49 11.21 -11.56 22.98
C LYS A 49 10.06 -10.84 22.30
C LYS A 49 10.07 -10.80 22.32
N ASP A 50 10.35 -10.01 21.28
CA ASP A 50 9.29 -9.29 20.58
C ASP A 50 8.30 -10.27 19.94
N LEU A 51 8.82 -11.30 19.27
CA LEU A 51 7.95 -12.28 18.63
C LEU A 51 7.18 -13.09 19.66
N GLN A 52 7.81 -13.44 20.77
CA GLN A 52 7.11 -14.18 21.83
C GLN A 52 5.97 -13.34 22.39
N GLN A 53 6.17 -12.03 22.53
CA GLN A 53 5.12 -11.16 23.02
C GLN A 53 3.94 -11.09 22.06
N ILE A 54 4.22 -10.97 20.75
CA ILE A 54 3.14 -10.99 19.76
C ILE A 54 2.37 -12.29 19.86
N TYR A 55 3.08 -13.40 19.96
CA TYR A 55 2.42 -14.71 19.99
C TYR A 55 1.58 -14.88 21.24
N ALA A 56 2.05 -14.34 22.36
CA ALA A 56 1.34 -14.48 23.63
C ALA A 56 0.12 -13.58 23.71
N GLU A 57 0.17 -12.37 23.11
CA GLU A 57 -0.77 -11.32 23.45
C GLU A 57 -1.54 -10.71 22.29
N GLU A 58 -1.08 -10.88 21.05
CA GLU A 58 -1.70 -10.14 19.93
C GLU A 58 -2.09 -11.09 18.81
N ARG A 59 -1.11 -11.68 18.16
CA ARG A 59 -1.27 -12.68 17.12
C ARG A 59 -1.80 -12.17 15.80
N GLU A 60 -2.00 -10.87 15.63
CA GLU A 60 -2.52 -10.32 14.39
C GLU A 60 -1.40 -9.80 13.51
N ASN A 61 -1.50 -10.08 12.22
CA ASN A 61 -0.54 -9.61 11.23
C ASN A 61 -0.81 -8.13 10.93
N TYR A 62 0.27 -7.35 10.78
CA TYR A 62 0.09 -5.92 10.55
C TYR A 62 -0.73 -5.63 9.29
N LEU A 63 -0.44 -6.33 8.19
CA LEU A 63 -1.18 -6.07 6.95
C LEU A 63 -2.63 -6.47 7.09
N GLY A 64 -2.90 -7.61 7.71
CA GLY A 64 -4.27 -8.03 7.89
C GLY A 64 -5.04 -7.13 8.83
N LYS A 65 -4.40 -6.74 9.94
CA LYS A 65 -5.04 -5.85 10.91
C LYS A 65 -5.32 -4.47 10.31
N LEU A 66 -4.38 -3.94 9.52
CA LEU A 66 -4.62 -2.65 8.90
C LEU A 66 -5.74 -2.74 7.87
N GLU A 67 -5.78 -3.82 7.09
CA GLU A 67 -6.91 -3.99 6.17
C GLU A 67 -8.22 -3.97 6.93
N ARG A 68 -8.28 -4.65 8.09
CA ARG A 68 -9.54 -4.71 8.83
C ARG A 68 -9.92 -3.34 9.39
N GLU A 69 -8.93 -2.60 9.89
CA GLU A 69 -9.20 -1.27 10.41
C GLU A 69 -9.71 -0.34 9.31
N ILE A 70 -9.07 -0.38 8.14
CA ILE A 70 -9.50 0.46 7.02
C ILE A 70 -10.88 0.05 6.55
N THR A 71 -11.13 -1.27 6.49
CA THR A 71 -12.45 -1.76 6.09
C THR A 71 -13.55 -1.20 6.99
N ARG A 72 -13.32 -1.23 8.31
CA ARG A 72 -14.32 -0.70 9.23
C ARG A 72 -14.54 0.79 9.00
N PHE A 73 -13.46 1.54 8.78
CA PHE A 73 -13.58 2.97 8.55
C PHE A 73 -14.47 3.27 7.35
N PHE A 74 -14.25 2.58 6.23
CA PHE A 74 -15.02 2.89 5.04
C PHE A 74 -16.43 2.33 5.09
N VAL A 75 -16.60 1.11 5.62
CA VAL A 75 -17.95 0.59 5.78
C VAL A 75 -18.79 1.51 6.66
N ASP A 76 -18.20 2.01 7.76
CA ASP A 76 -18.96 2.87 8.66
C ASP A 76 -19.31 4.20 8.02
N ARG A 77 -18.58 4.64 7.01
CA ARG A 77 -18.87 5.89 6.33
CA ARG A 77 -18.86 5.89 6.33
C ARG A 77 -19.70 5.70 5.07
N GLY A 78 -20.29 4.53 4.89
CA GLY A 78 -21.23 4.31 3.81
C GLY A 78 -20.68 3.76 2.52
N PHE A 79 -19.45 3.24 2.51
CA PHE A 79 -18.87 2.66 1.31
C PHE A 79 -19.06 1.15 1.32
N LEU A 80 -19.42 0.61 0.17
CA LEU A 80 -19.64 -0.82 0.00
C LEU A 80 -18.29 -1.52 -0.21
N GLU A 81 -18.06 -2.61 0.54
CA GLU A 81 -16.80 -3.35 0.48
C GLU A 81 -16.80 -4.28 -0.73
N ILE A 82 -15.80 -4.10 -1.63
CA ILE A 82 -15.66 -4.91 -2.83
C ILE A 82 -14.50 -5.87 -2.68
N LYS A 83 -14.67 -7.10 -3.19
CA LYS A 83 -13.55 -8.03 -3.39
C LYS A 83 -13.66 -8.51 -4.83
N SER A 84 -12.77 -8.02 -5.69
CA SER A 84 -12.82 -8.28 -7.12
C SER A 84 -11.63 -9.13 -7.56
N PRO A 85 -11.61 -9.62 -8.79
CA PRO A 85 -10.51 -10.52 -9.20
C PRO A 85 -9.14 -9.85 -9.16
N ILE A 86 -8.14 -10.62 -8.73
CA ILE A 86 -6.75 -10.18 -8.84
C ILE A 86 -6.18 -10.49 -10.21
N LEU A 87 -6.60 -11.60 -10.81
CA LEU A 87 -6.24 -11.96 -12.17
C LEU A 87 -7.27 -11.32 -13.09
N ILE A 88 -6.83 -10.43 -13.97
CA ILE A 88 -7.75 -9.63 -14.77
C ILE A 88 -7.37 -9.76 -16.24
N PRO A 89 -8.30 -9.43 -17.14
CA PRO A 89 -7.97 -9.46 -18.57
C PRO A 89 -6.90 -8.45 -18.91
N LEU A 90 -5.94 -8.87 -19.74
CA LEU A 90 -4.94 -7.96 -20.26
C LEU A 90 -5.60 -6.84 -21.07
N GLU A 91 -6.79 -7.09 -21.62
CA GLU A 91 -7.53 -6.06 -22.32
C GLU A 91 -7.87 -4.88 -21.41
N TYR A 92 -7.99 -5.11 -20.10
CA TYR A 92 -8.25 -3.99 -19.20
C TYR A 92 -7.11 -2.99 -19.23
N ILE A 93 -5.89 -3.46 -19.43
CA ILE A 93 -4.72 -2.57 -19.44
C ILE A 93 -4.76 -1.64 -20.63
N GLU A 94 -5.11 -2.15 -21.81
CA GLU A 94 -5.20 -1.28 -22.98
C GLU A 94 -6.38 -0.33 -22.87
N ARG A 95 -7.54 -0.82 -22.41
CA ARG A 95 -8.69 0.06 -22.27
C ARG A 95 -8.51 1.10 -21.17
N MET A 96 -7.58 0.87 -20.25
CA MET A 96 -7.19 1.88 -19.27
C MET A 96 -6.28 2.95 -19.87
N GLY A 97 -5.98 2.87 -21.17
CA GLY A 97 -5.10 3.82 -21.80
C GLY A 97 -3.62 3.57 -21.58
N ILE A 98 -3.25 2.39 -21.09
CA ILE A 98 -1.85 2.06 -20.83
C ILE A 98 -1.32 1.44 -22.12
N ASP A 99 -0.78 2.29 -23.00
CA ASP A 99 -0.30 1.81 -24.29
C ASP A 99 0.87 0.86 -24.09
N ASN A 100 1.06 -0.02 -25.08
CA ASN A 100 1.98 -1.15 -24.93
C ASN A 100 3.40 -0.71 -24.64
N ASP A 101 3.80 0.47 -25.13
CA ASP A 101 5.17 0.93 -24.98
C ASP A 101 5.36 1.91 -23.81
N THR A 102 4.31 2.13 -23.02
CA THR A 102 4.42 3.04 -21.89
C THR A 102 5.22 2.39 -20.75
N GLU A 103 5.49 3.19 -19.72
CA GLU A 103 6.28 2.71 -18.60
C GLU A 103 5.50 1.71 -17.74
N LEU A 104 4.24 2.03 -17.44
CA LEU A 104 3.46 1.13 -16.59
C LEU A 104 3.18 -0.19 -17.28
N SER A 105 3.09 -0.19 -18.62
CA SER A 105 2.83 -1.44 -19.34
C SER A 105 3.98 -2.42 -19.19
N LYS A 106 5.22 -1.92 -19.07
CA LYS A 106 6.37 -2.80 -18.84
C LYS A 106 6.36 -3.38 -17.43
N GLN A 107 5.58 -2.81 -16.53
CA GLN A 107 5.54 -3.29 -15.16
C GLN A 107 4.54 -4.42 -14.95
N ILE A 108 3.83 -4.84 -15.99
CA ILE A 108 2.71 -5.76 -15.83
C ILE A 108 3.22 -7.19 -15.81
N PHE A 109 2.76 -7.96 -14.81
CA PHE A 109 3.03 -9.40 -14.77
C PHE A 109 1.99 -10.11 -15.63
N ARG A 110 2.43 -10.73 -16.71
CA ARG A 110 1.52 -11.45 -17.60
C ARG A 110 1.28 -12.85 -17.07
N VAL A 111 0.03 -13.31 -17.20
CA VAL A 111 -0.36 -14.67 -16.85
C VAL A 111 -1.06 -15.29 -18.05
N ASP A 112 -0.62 -16.49 -18.44
CA ASP A 112 -1.18 -17.19 -19.60
C ASP A 112 -1.02 -16.29 -20.82
N LYS A 113 -2.08 -15.97 -21.55
CA LYS A 113 -2.03 -15.27 -22.81
C LYS A 113 -2.84 -13.98 -22.81
N ASN A 114 -4.00 -13.98 -22.17
CA ASN A 114 -4.91 -12.84 -22.19
C ASN A 114 -5.14 -12.24 -20.81
N PHE A 115 -4.41 -12.70 -19.79
CA PHE A 115 -4.61 -12.22 -18.42
C PHE A 115 -3.32 -11.69 -17.84
N CYS A 116 -3.48 -10.98 -16.72
CA CYS A 116 -2.35 -10.41 -16.01
C CYS A 116 -2.75 -10.26 -14.55
N LEU A 117 -1.75 -10.04 -13.70
CA LEU A 117 -2.04 -9.64 -12.33
C LEU A 117 -2.34 -8.14 -12.31
N ARG A 118 -3.43 -7.77 -11.67
CA ARG A 118 -3.83 -6.37 -11.68
C ARG A 118 -2.74 -5.49 -11.08
N PRO A 119 -2.33 -4.42 -11.74
CA PRO A 119 -1.39 -3.46 -11.15
C PRO A 119 -2.08 -2.35 -10.36
N MET A 120 -3.41 -2.33 -10.36
CA MET A 120 -4.19 -1.32 -9.67
C MET A 120 -5.60 -1.88 -9.53
N LEU A 121 -6.40 -1.24 -8.69
CA LEU A 121 -7.77 -1.66 -8.47
C LEU A 121 -8.75 -0.92 -9.37
N ALA A 122 -8.33 0.19 -9.95
CA ALA A 122 -9.25 1.10 -10.64
C ALA A 122 -10.15 0.44 -11.67
N PRO A 123 -9.66 -0.38 -12.61
CA PRO A 123 -10.58 -0.91 -13.64
C PRO A 123 -11.72 -1.73 -13.08
N ASN A 124 -11.44 -2.62 -12.12
CA ASN A 124 -12.50 -3.41 -11.52
C ASN A 124 -13.51 -2.51 -10.81
N LEU A 125 -13.02 -1.44 -10.17
CA LEU A 125 -13.92 -0.55 -9.44
C LEU A 125 -14.75 0.31 -10.39
N ALA A 126 -14.17 0.71 -11.52
CA ALA A 126 -14.96 1.41 -12.52
C ALA A 126 -16.12 0.55 -13.00
N ASN A 127 -15.87 -0.75 -13.22
CA ASN A 127 -16.95 -1.65 -13.61
C ASN A 127 -18.02 -1.71 -12.54
N TYR A 128 -17.61 -1.78 -11.27
CA TYR A 128 -18.61 -1.82 -10.20
C TYR A 128 -19.39 -0.52 -10.11
N LEU A 129 -18.72 0.64 -10.24
CA LEU A 129 -19.45 1.89 -10.22
C LEU A 129 -20.53 1.92 -11.29
N ARG A 130 -20.18 1.52 -12.52
CA ARG A 130 -21.14 1.51 -13.61
C ARG A 130 -22.32 0.59 -13.30
N LYS A 131 -22.01 -0.63 -12.86
CA LYS A 131 -23.08 -1.61 -12.64
C LYS A 131 -23.97 -1.21 -11.48
N LEU A 132 -23.36 -0.77 -10.38
CA LEU A 132 -24.12 -0.44 -9.19
C LEU A 132 -24.99 0.80 -9.39
N ASP A 133 -24.60 1.70 -10.30
CA ASP A 133 -25.42 2.90 -10.52
C ASP A 133 -26.79 2.56 -11.08
N ARG A 134 -26.99 1.36 -11.63
CA ARG A 134 -28.31 0.94 -12.10
C ARG A 134 -29.21 0.45 -10.97
N ALA A 135 -28.68 0.25 -9.77
CA ALA A 135 -29.44 -0.39 -8.71
C ALA A 135 -29.47 0.42 -7.41
N LEU A 136 -28.43 1.21 -7.18
CA LEU A 136 -28.28 1.84 -5.87
C LEU A 136 -28.58 3.34 -5.94
N PRO A 137 -28.99 3.94 -4.83
CA PRO A 137 -29.25 5.38 -4.82
C PRO A 137 -27.96 6.20 -4.86
N ASP A 138 -28.08 7.37 -5.45
CA ASP A 138 -26.95 8.31 -5.50
C ASP A 138 -26.63 8.84 -4.10
N PRO A 139 -25.35 8.96 -3.74
CA PRO A 139 -24.16 8.61 -4.54
C PRO A 139 -23.73 7.17 -4.34
N ILE A 140 -23.00 6.63 -5.33
CA ILE A 140 -22.43 5.30 -5.26
C ILE A 140 -21.07 5.42 -4.58
N LYS A 141 -20.88 4.72 -3.46
CA LYS A 141 -19.64 4.79 -2.70
C LYS A 141 -19.13 3.36 -2.48
N ILE A 142 -17.91 3.06 -2.95
CA ILE A 142 -17.38 1.71 -2.86
C ILE A 142 -15.88 1.80 -2.56
N PHE A 143 -15.33 0.67 -2.09
CA PHE A 143 -13.89 0.61 -1.89
C PHE A 143 -13.44 -0.84 -1.98
N GLU A 144 -12.15 -1.04 -2.24
CA GLU A 144 -11.55 -2.35 -2.21
C GLU A 144 -10.16 -2.25 -1.61
N ILE A 145 -9.78 -3.30 -0.89
CA ILE A 145 -8.41 -3.50 -0.42
C ILE A 145 -7.93 -4.86 -0.92
N GLY A 146 -6.76 -4.89 -1.54
CA GLY A 146 -6.21 -6.18 -1.87
C GLY A 146 -4.92 -6.11 -2.66
N PRO A 147 -4.39 -7.29 -2.98
CA PRO A 147 -3.08 -7.36 -3.63
C PRO A 147 -3.09 -6.75 -5.03
N CYS A 148 -2.01 -6.04 -5.35
CA CYS A 148 -1.71 -5.52 -6.66
C CYS A 148 -0.25 -5.82 -6.96
N TYR A 149 0.11 -5.80 -8.24
CA TYR A 149 1.40 -6.31 -8.69
C TYR A 149 2.01 -5.40 -9.73
N ARG A 150 3.29 -5.04 -9.54
CA ARG A 150 4.02 -4.29 -10.56
C ARG A 150 5.46 -4.74 -10.50
N LYS A 151 6.06 -4.94 -11.67
CA LYS A 151 7.50 -5.15 -11.72
C LYS A 151 8.17 -3.82 -11.40
N GLU A 152 9.06 -3.81 -10.42
CA GLU A 152 9.71 -2.57 -10.02
C GLU A 152 11.22 -2.74 -9.94
N SER A 153 11.93 -1.61 -10.04
CA SER A 153 13.35 -1.59 -9.77
C SER A 153 13.67 -1.93 -8.32
N ASP A 154 12.66 -1.96 -7.44
CA ASP A 154 12.82 -2.35 -6.05
C ASP A 154 13.73 -1.41 -5.29
N GLY A 155 13.17 -0.35 -4.72
CA GLY A 155 13.92 0.49 -3.82
C GLY A 155 13.43 0.29 -2.41
N LYS A 156 13.62 1.31 -1.57
CA LYS A 156 13.11 1.25 -0.20
C LYS A 156 11.61 1.48 -0.12
N GLU A 157 10.95 1.85 -1.23
CA GLU A 157 9.55 2.26 -1.24
C GLU A 157 8.67 1.48 -2.19
N HIS A 158 9.24 0.56 -2.98
CA HIS A 158 8.47 -0.23 -3.92
C HIS A 158 8.59 -1.71 -3.62
N LEU A 159 7.46 -2.39 -3.75
CA LEU A 159 7.37 -3.85 -3.73
C LEU A 159 6.80 -4.34 -5.05
N GLU A 160 7.15 -5.56 -5.41
CA GLU A 160 6.51 -6.16 -6.57
C GLU A 160 5.09 -6.64 -6.26
N GLU A 161 4.85 -7.07 -5.02
CA GLU A 161 3.56 -7.53 -4.55
C GLU A 161 3.20 -6.60 -3.39
N PHE A 162 2.21 -5.75 -3.59
CA PHE A 162 1.81 -4.82 -2.56
C PHE A 162 0.30 -4.89 -2.38
N THR A 163 -0.22 -4.08 -1.47
CA THR A 163 -1.63 -4.09 -1.11
C THR A 163 -2.17 -2.69 -1.32
N MET A 164 -3.20 -2.57 -2.17
CA MET A 164 -3.82 -1.29 -2.48
C MET A 164 -5.16 -1.15 -1.78
N LEU A 165 -5.44 0.05 -1.28
CA LEU A 165 -6.79 0.51 -0.97
C LEU A 165 -7.18 1.48 -2.07
N ASN A 166 -8.37 1.32 -2.61
CA ASN A 166 -8.95 2.34 -3.48
C ASN A 166 -10.37 2.58 -3.01
N PHE A 167 -10.68 3.82 -2.65
CA PHE A 167 -12.06 4.20 -2.37
C PHE A 167 -12.49 5.18 -3.44
N CYS A 168 -13.76 5.13 -3.81
CA CYS A 168 -14.23 5.98 -4.88
C CYS A 168 -15.72 6.20 -4.73
N GLN A 169 -16.20 7.22 -5.40
CA GLN A 169 -17.58 7.65 -5.30
C GLN A 169 -17.99 8.18 -6.67
N MET A 170 -19.26 7.97 -7.02
CA MET A 170 -19.78 8.47 -8.30
C MET A 170 -21.15 9.06 -8.08
N GLY A 171 -21.38 10.24 -8.65
CA GLY A 171 -22.66 10.92 -8.55
C GLY A 171 -22.49 12.26 -7.86
N SER A 172 -23.40 12.55 -6.93
CA SER A 172 -23.31 13.78 -6.17
C SER A 172 -22.13 13.71 -5.20
N GLY A 173 -21.69 14.91 -4.78
CA GLY A 173 -20.61 15.02 -3.83
C GLY A 173 -19.23 14.69 -4.36
N CYS A 174 -19.04 14.63 -5.67
CA CYS A 174 -17.76 14.22 -6.24
C CYS A 174 -16.95 15.45 -6.64
N THR A 175 -16.49 16.14 -5.60
CA THR A 175 -15.78 17.39 -5.73
C THR A 175 -14.39 17.24 -5.15
N ARG A 176 -13.49 18.15 -5.56
CA ARG A 176 -12.16 18.18 -4.98
C ARG A 176 -12.22 18.30 -3.46
N GLU A 177 -13.07 19.20 -2.96
CA GLU A 177 -13.09 19.42 -1.51
C GLU A 177 -13.61 18.19 -0.77
N ASN A 178 -14.60 17.49 -1.33
CA ASN A 178 -15.03 16.26 -0.64
C ASN A 178 -13.95 15.20 -0.69
N LEU A 179 -13.27 15.05 -1.83
CA LEU A 179 -12.18 14.09 -1.92
C LEU A 179 -11.11 14.40 -0.89
N GLU A 180 -10.68 15.67 -0.81
CA GLU A 180 -9.68 16.03 0.20
C GLU A 180 -10.20 15.78 1.60
N SER A 181 -11.49 16.02 1.85
CA SER A 181 -12.03 15.79 3.18
CA SER A 181 -12.03 15.80 3.18
C SER A 181 -11.99 14.32 3.58
N ILE A 182 -12.28 13.41 2.64
CA ILE A 182 -12.21 11.98 2.94
C ILE A 182 -10.77 11.56 3.21
N ILE A 183 -9.84 11.97 2.35
CA ILE A 183 -8.42 11.69 2.56
C ILE A 183 -7.99 12.19 3.93
N THR A 184 -8.39 13.42 4.28
CA THR A 184 -8.01 13.99 5.56
C THR A 184 -8.59 13.18 6.73
N ASP A 185 -9.88 12.87 6.67
CA ASP A 185 -10.47 12.10 7.75
C ASP A 185 -9.82 10.73 7.87
N PHE A 186 -9.49 10.12 6.73
CA PHE A 186 -8.85 8.80 6.72
C PHE A 186 -7.47 8.84 7.37
N LEU A 187 -6.61 9.76 6.92
CA LEU A 187 -5.27 9.79 7.47
C LEU A 187 -5.24 10.32 8.91
N ASN A 188 -6.19 11.20 9.27
CA ASN A 188 -6.31 11.57 10.68
C ASN A 188 -6.67 10.35 11.54
N HIS A 189 -7.53 9.47 11.01
CA HIS A 189 -7.90 8.25 11.73
C HIS A 189 -6.68 7.37 11.97
N LEU A 190 -5.77 7.31 11.01
CA LEU A 190 -4.55 6.51 11.17
C LEU A 190 -3.44 7.25 11.88
N GLY A 191 -3.60 8.55 12.15
CA GLY A 191 -2.57 9.32 12.81
C GLY A 191 -1.36 9.66 11.95
N ILE A 192 -1.57 9.82 10.63
CA ILE A 192 -0.48 10.06 9.69
C ILE A 192 -0.60 11.48 9.14
N ASP A 193 0.45 12.27 9.36
CA ASP A 193 0.53 13.62 8.80
C ASP A 193 0.81 13.56 7.30
N PHE A 194 0.32 14.56 6.57
CA PHE A 194 0.50 14.55 5.12
C PHE A 194 0.27 15.94 4.56
N LYS A 195 0.65 16.10 3.29
CA LYS A 195 0.31 17.26 2.47
C LYS A 195 -0.18 16.77 1.12
N ILE A 196 -0.83 17.65 0.37
CA ILE A 196 -1.32 17.34 -0.96
C ILE A 196 -0.54 18.18 -1.96
N VAL A 197 -0.01 17.52 -2.99
CA VAL A 197 0.72 18.20 -4.06
C VAL A 197 0.11 17.81 -5.39
N GLY A 198 0.22 18.71 -6.37
CA GLY A 198 -0.23 18.37 -7.71
C GLY A 198 0.80 17.53 -8.44
N ASP A 199 0.32 16.51 -9.14
CA ASP A 199 1.16 15.72 -10.04
C ASP A 199 0.31 15.28 -11.22
N SER A 200 0.87 14.42 -12.07
CA SER A 200 0.11 13.92 -13.21
C SER A 200 0.58 12.51 -13.53
N CYS A 201 -0.31 11.74 -14.15
CA CYS A 201 0.01 10.40 -14.61
C CYS A 201 -0.70 10.17 -15.95
N MET A 202 -0.34 9.05 -16.58
CA MET A 202 -0.80 8.82 -17.95
C MET A 202 -2.22 8.29 -18.01
N VAL A 203 -2.64 7.50 -17.02
CA VAL A 203 -3.98 6.94 -17.03
C VAL A 203 -5.02 8.02 -16.78
N PHE A 204 -4.77 8.89 -15.80
CA PHE A 204 -5.79 9.78 -15.28
C PHE A 204 -5.55 11.25 -15.59
N GLY A 205 -4.36 11.63 -16.03
CA GLY A 205 -4.04 13.03 -16.18
C GLY A 205 -3.56 13.59 -14.86
N ASP A 206 -4.09 14.75 -14.47
CA ASP A 206 -3.69 15.38 -13.23
C ASP A 206 -4.15 14.53 -12.04
N THR A 207 -3.27 14.40 -11.05
CA THR A 207 -3.64 13.79 -9.79
C THR A 207 -3.37 14.76 -8.66
N LEU A 208 -4.01 14.50 -7.54
CA LEU A 208 -3.64 15.07 -6.26
C LEU A 208 -2.85 13.99 -5.56
N ASP A 209 -1.54 14.19 -5.39
CA ASP A 209 -0.73 13.21 -4.68
C ASP A 209 -0.69 13.54 -3.20
N VAL A 210 -0.88 12.52 -2.39
CA VAL A 210 -0.89 12.62 -0.93
C VAL A 210 0.50 12.20 -0.48
N MET A 211 1.25 13.13 0.10
CA MET A 211 2.66 12.92 0.43
C MET A 211 2.88 12.97 1.94
N HIS A 212 3.72 12.07 2.43
CA HIS A 212 4.27 12.14 3.77
C HIS A 212 5.77 12.36 3.57
N GLY A 213 6.20 13.59 3.75
CA GLY A 213 7.56 13.92 3.33
C GLY A 213 7.70 13.69 1.84
N ASP A 214 8.74 12.97 1.45
CA ASP A 214 8.96 12.63 0.05
C ASP A 214 8.32 11.30 -0.35
N LEU A 215 7.55 10.68 0.55
CA LEU A 215 6.92 9.40 0.29
C LEU A 215 5.51 9.60 -0.23
N GLU A 216 5.22 9.07 -1.41
CA GLU A 216 3.88 9.15 -2.00
C GLU A 216 3.00 8.10 -1.34
N LEU A 217 1.99 8.55 -0.59
CA LEU A 217 1.04 7.62 -0.01
C LEU A 217 -0.09 7.29 -0.96
N SER A 218 -0.49 8.25 -1.81
CA SER A 218 -1.64 8.04 -2.66
C SER A 218 -1.56 8.95 -3.87
N SER A 219 -2.17 8.49 -4.97
CA SER A 219 -2.64 9.38 -6.03
C SER A 219 -4.15 9.35 -6.04
N ALA A 220 -4.75 10.53 -6.18
CA ALA A 220 -6.20 10.69 -6.17
C ALA A 220 -6.62 11.51 -7.38
N VAL A 221 -7.87 11.33 -7.81
CA VAL A 221 -8.36 11.90 -9.07
C VAL A 221 -9.76 12.42 -8.86
N VAL A 222 -10.04 13.60 -9.42
CA VAL A 222 -11.39 14.13 -9.54
C VAL A 222 -11.78 14.01 -11.01
N GLY A 223 -12.78 13.20 -11.29
CA GLY A 223 -13.33 13.10 -12.62
C GLY A 223 -14.33 14.23 -12.87
N PRO A 224 -15.01 14.20 -14.02
CA PRO A 224 -14.88 13.20 -15.08
C PRO A 224 -13.59 13.40 -15.86
N ILE A 225 -13.15 12.36 -16.56
CA ILE A 225 -12.03 12.46 -17.50
C ILE A 225 -12.48 11.80 -18.80
N PRO A 226 -11.84 12.14 -19.93
CA PRO A 226 -12.24 11.53 -21.20
C PRO A 226 -12.21 10.00 -21.21
N LEU A 227 -11.38 9.37 -20.38
CA LEU A 227 -11.30 7.91 -20.33
C LEU A 227 -12.60 7.27 -19.87
N ASP A 228 -13.48 8.03 -19.20
CA ASP A 228 -14.68 7.46 -18.61
C ASP A 228 -15.52 6.73 -19.65
N ARG A 229 -15.58 7.26 -20.86
CA ARG A 229 -16.47 6.69 -21.87
C ARG A 229 -16.10 5.25 -22.19
N GLU A 230 -14.80 4.93 -22.20
CA GLU A 230 -14.39 3.56 -22.49
C GLU A 230 -14.78 2.58 -21.39
N TRP A 231 -15.20 3.08 -20.23
CA TRP A 231 -15.64 2.27 -19.11
C TRP A 231 -17.11 2.46 -18.80
N GLY A 232 -17.83 3.19 -19.66
CA GLY A 232 -19.24 3.42 -19.43
C GLY A 232 -19.54 4.28 -18.23
N ILE A 233 -18.57 5.09 -17.79
CA ILE A 233 -18.77 6.02 -16.69
C ILE A 233 -19.24 7.35 -17.27
N ASP A 234 -20.33 7.88 -16.75
CA ASP A 234 -20.97 9.04 -17.36
C ASP A 234 -21.47 10.02 -16.31
N LYS A 235 -20.85 10.02 -15.14
CA LYS A 235 -21.18 10.91 -14.03
C LYS A 235 -19.90 11.39 -13.39
N PRO A 236 -19.96 12.48 -12.62
CA PRO A 236 -18.81 12.89 -11.83
C PRO A 236 -18.39 11.77 -10.90
N TRP A 237 -17.09 11.72 -10.61
CA TRP A 237 -16.58 10.73 -9.70
C TRP A 237 -15.31 11.26 -9.03
N ILE A 238 -14.96 10.66 -7.90
CA ILE A 238 -13.68 10.90 -7.24
C ILE A 238 -13.15 9.56 -6.77
N GLY A 239 -11.83 9.48 -6.61
CA GLY A 239 -11.24 8.24 -6.14
C GLY A 239 -9.81 8.44 -5.74
N ALA A 240 -9.31 7.52 -4.90
CA ALA A 240 -7.92 7.59 -4.46
C ALA A 240 -7.42 6.18 -4.21
N GLY A 241 -6.15 5.96 -4.58
CA GLY A 241 -5.49 4.68 -4.30
C GLY A 241 -4.31 4.87 -3.37
N PHE A 242 -4.26 4.06 -2.30
CA PHE A 242 -3.22 4.10 -1.27
C PHE A 242 -2.54 2.76 -1.16
N GLY A 243 -1.22 2.77 -0.96
CA GLY A 243 -0.49 1.54 -0.65
C GLY A 243 -0.44 1.26 0.85
N LEU A 244 -0.95 0.10 1.28
CA LEU A 244 -0.98 -0.19 2.72
C LEU A 244 0.42 -0.37 3.29
N GLU A 245 1.33 -0.97 2.52
CA GLU A 245 2.69 -1.16 3.04
C GLU A 245 3.37 0.18 3.26
N ARG A 246 3.08 1.18 2.41
CA ARG A 246 3.64 2.51 2.65
C ARG A 246 3.05 3.13 3.91
N LEU A 247 1.75 2.93 4.15
CA LEU A 247 1.17 3.41 5.41
C LEU A 247 1.85 2.76 6.60
N LEU A 248 2.11 1.45 6.52
CA LEU A 248 2.78 0.75 7.62
C LEU A 248 4.22 1.23 7.79
N LYS A 249 4.90 1.51 6.67
CA LYS A 249 6.26 2.03 6.75
C LYS A 249 6.30 3.33 7.55
N VAL A 250 5.33 4.21 7.32
CA VAL A 250 5.26 5.46 8.07
C VAL A 250 4.93 5.19 9.54
N LYS A 251 3.89 4.39 9.78
CA LYS A 251 3.44 4.13 11.15
C LYS A 251 4.53 3.53 12.01
N HIS A 252 5.37 2.67 11.44
CA HIS A 252 6.34 1.92 12.23
C HIS A 252 7.77 2.38 11.99
N ASP A 253 7.96 3.42 11.19
N ASP A 253 7.98 3.43 11.20
CA ASP A 253 9.29 4.00 10.95
CA ASP A 253 9.31 3.99 10.97
C ASP A 253 10.26 2.99 10.35
C ASP A 253 10.27 2.97 10.36
N PHE A 254 9.74 2.10 9.49
CA PHE A 254 10.59 1.14 8.82
C PHE A 254 11.49 1.84 7.81
N LYS A 255 12.75 1.43 7.77
CA LYS A 255 13.66 1.97 6.77
C LYS A 255 13.43 1.36 5.41
N ASN A 256 12.98 0.11 5.35
CA ASN A 256 12.76 -0.57 4.09
C ASN A 256 11.34 -1.11 4.08
N ILE A 257 10.62 -0.85 2.99
CA ILE A 257 9.23 -1.26 2.89
C ILE A 257 9.08 -2.78 2.94
N LYS A 258 10.17 -3.53 2.72
CA LYS A 258 10.08 -4.98 2.80
C LYS A 258 9.65 -5.45 4.18
N ARG A 259 9.92 -4.65 5.21
CA ARG A 259 9.48 -5.00 6.56
C ARG A 259 7.98 -5.11 6.69
N ALA A 260 7.23 -4.46 5.79
CA ALA A 260 5.79 -4.39 5.86
C ALA A 260 5.10 -5.36 4.91
N ALA A 261 5.86 -6.03 4.05
CA ALA A 261 5.32 -6.78 2.93
C ALA A 261 4.86 -8.17 3.34
N ARG A 262 4.00 -8.75 2.52
CA ARG A 262 3.85 -10.20 2.52
C ARG A 262 5.22 -10.81 2.36
N SER A 263 5.56 -11.71 3.27
CA SER A 263 6.95 -12.13 3.34
C SER A 263 7.02 -13.34 4.23
N GLY A 264 7.97 -14.21 3.93
CA GLY A 264 8.40 -15.18 4.91
C GLY A 264 9.59 -14.72 5.71
N SER A 265 10.13 -13.53 5.41
CA SER A 265 11.37 -13.05 6.01
CA SER A 265 11.37 -13.05 6.01
C SER A 265 11.15 -12.10 7.17
N TYR A 266 9.96 -11.51 7.31
CA TYR A 266 9.64 -10.64 8.42
C TYR A 266 8.22 -10.91 8.85
N TYR A 267 7.99 -10.87 10.15
CA TYR A 267 6.67 -10.92 10.75
C TYR A 267 6.47 -9.64 11.54
N ASN A 268 5.52 -8.80 11.11
CA ASN A 268 5.29 -7.52 11.77
C ASN A 268 6.59 -6.75 11.96
N GLY A 269 7.45 -6.78 10.93
CA GLY A 269 8.71 -6.06 10.96
C GLY A 269 9.83 -6.74 11.70
N ILE A 270 9.61 -7.94 12.24
CA ILE A 270 10.61 -8.69 13.00
C ILE A 270 11.17 -9.78 12.11
N SER A 271 12.49 -9.86 12.01
CA SER A 271 13.10 -10.93 11.22
C SER A 271 12.60 -12.30 11.69
N THR A 272 12.27 -13.16 10.72
CA THR A 272 11.93 -14.55 11.01
C THR A 272 13.15 -15.47 10.94
N ASN A 273 14.34 -14.93 10.76
CA ASN A 273 15.56 -15.72 10.73
C ASN A 273 16.28 -15.54 12.07
N LEU A 274 15.82 -16.31 13.05
CA LEU A 274 16.27 -16.14 14.44
C LEU A 274 16.94 -17.39 14.96
MG MG B . 5.23 3.76 -9.88
MG MG C . 0.80 7.98 -8.08
MG MG D . 3.98 8.50 -8.32
PG ATP E . 5.45 5.74 -7.32
O1G ATP E . 5.48 7.06 -8.07
O2G ATP E . 5.98 4.60 -8.14
O3G ATP E . 5.97 5.77 -5.91
PB ATP E . 2.87 5.45 -8.38
O1B ATP E . 2.46 6.88 -8.64
O2B ATP E . 3.46 4.62 -9.48
O3B ATP E . 3.87 5.41 -7.11
PA ATP E . 0.04 4.87 -8.16
O1A ATP E . -0.33 6.30 -7.84
O2A ATP E . -0.15 4.31 -9.54
O3A ATP E . 1.60 4.67 -7.77
O5' ATP E . -0.61 3.86 -7.08
C5' ATP E . -1.35 4.33 -5.97
C4' ATP E . -0.56 4.04 -4.69
O4' ATP E . -0.13 2.69 -4.66
C3' ATP E . 0.76 4.79 -4.58
O3' ATP E . 0.58 6.13 -4.14
C2' ATP E . 1.53 3.97 -3.57
O2' ATP E . 1.08 4.24 -2.23
C1' ATP E . 1.07 2.56 -3.89
N9 ATP E . 2.04 1.88 -4.76
C8 ATP E . 2.16 2.01 -6.10
N7 ATP E . 3.16 1.20 -6.56
C5 ATP E . 3.68 0.56 -5.50
C6 ATP E . 4.72 -0.45 -5.28
N6 ATP E . 5.43 -0.94 -6.31
N1 ATP E . 4.92 -0.87 -4.02
C2 ATP E . 4.21 -0.39 -2.97
N3 ATP E . 3.23 0.49 -3.10
C4 ATP E . 2.94 1.00 -4.31
C15 9U6 F . -13.08 5.26 -11.56
C15 9U6 F . -13.03 5.33 -13.49
C17 9U6 F . -13.82 6.04 -13.71
C17 9U6 F . -13.15 5.86 -15.82
C20 9U6 F . -12.09 4.50 -12.18
C20 9U6 F . -11.79 4.75 -13.70
C 9U6 F . -3.92 4.72 -9.60
C 9U6 F . -3.98 4.66 -9.47
CA 9U6 F . -5.26 4.99 -8.91
CA 9U6 F . -5.10 5.25 -8.60
CB 9U6 F . -5.69 6.46 -9.00
CB 9U6 F . -6.46 4.65 -8.96
C8 9U6 F . -8.78 6.95 -9.62
C8 9U6 F . -9.44 5.49 -9.88
C9 9U6 F . -9.54 5.68 -9.97
C9 9U6 F . -10.61 5.33 -8.92
C11 9U6 F . -11.35 4.19 -9.10
C11 9U6 F . -12.60 4.42 -10.14
C14 9U6 F . -13.22 5.28 -10.04
C14 9U6 F . -13.63 5.33 -12.08
C16 9U6 F . -13.94 6.03 -12.33
C16 9U6 F . -13.72 5.88 -14.56
C18 9U6 F . -12.84 5.27 -14.33
C18 9U6 F . -11.91 5.29 -16.03
C19 9U6 F . -11.98 4.51 -13.57
C19 9U6 F . -11.23 4.73 -14.97
N 9U6 F . -5.17 4.61 -7.52
N 9U6 F . -5.14 6.69 -8.77
N10 9U6 F . -10.69 5.48 -9.13
N10 9U6 F . -11.41 4.20 -9.34
OXT 9U6 F . -3.27 3.68 -9.31
OXT 9U6 F . -3.64 3.46 -9.31
O 9U6 F . -3.46 5.53 -10.45
O 9U6 F . -3.41 5.36 -10.35
O12 9U6 F . -10.78 3.22 -8.75
O12 9U6 F . -13.61 3.87 -9.86
O13 9U6 F . -12.69 4.10 -9.51
O13 9U6 F . -12.53 5.28 -11.22
SE7 9U6 F . -7.46 6.61 -8.21
SE7 9U6 F . -7.87 6.00 -8.84
#